data_5LCL
#
_entry.id   5LCL
#
_cell.length_a   53.205
_cell.length_b   53.205
_cell.length_c   130.965
_cell.angle_alpha   90.00
_cell.angle_beta   90.00
_cell.angle_gamma   90.00
#
_symmetry.space_group_name_H-M   'P 41'
#
loop_
_entity.id
_entity.type
_entity.pdbx_description
1 polymer 'DNA repair protein RAD14'
2 polymer 'DNA repair protein RAD14'
3 polymer GCTCTAC(8AF)TCATCA
4 polymer "DNA (5'-D(*GP*TP*GP*AP*TP*GP*AP*CP*GP*TP*AP*GP*AP*G)-3')"
5 non-polymer 'ZINC ION'
6 water water
#
loop_
_entity_poly.entity_id
_entity_poly.type
_entity_poly.pdbx_seq_one_letter_code
_entity_poly.pdbx_strand_id
1 'polypeptide(L)'
;APKCIECHINIEMDPVLHDVFKLQVCKQCSKEHPEKYALLTKTECKEDYFLTDPELNDEDLFHRLEKPNPHSGTFARMQL
FVRCEVEAFAFKKWGGEEGLDEEWQRREEGKAHRREKKY
;
A
2 'polypeptide(L)'
;MTPEQKAKLEANRKLAIERLRKRGILSSDQLNRIESRNEPLKTRPLAVTSGSNRDDNAAAAVHVPNHNGQPSALANTNTN
TTSLYGSGVVDGSKRDASVLDKRPTDRIRPSIRKQDYIEYDFATMQNLNGGYINPKDKLPNSDFTDDQEFESEFGSKKQK
TLQDWKKEQLERKMLYENAPPPEHISKAPKCIECHINIEMDPVLHDVFKLQVCKQCSKEHPEKYALLTKTECKEDYFLTD
PELNDEDLFHRLEKPNPHSGTFARMQLFVRCEVEAFAFKKWGGEEGLDEEWQRREEGKAHRREKKYEKKIKEMRLKTRAQ
EYTNRLREKKHGKAHIHHFSDPVDGGIDEDGYQIQRRRCTDCGLETEEIDI
;
B
3 'polydeoxyribonucleotide' (DG)(DC)(DT)(DC)(DT)(DA)(DC)(8AF)(DT)(DC)(DA)(DT)(DC)(DA)(DC) C
4 'polydeoxyribonucleotide' (DG)(DT)(DG)(DA)(DT)(DG)(DA)(DC)(DG)(DT)(DA)(DG)(DA)(DG)(DC) D
#
loop_
_chem_comp.id
_chem_comp.type
_chem_comp.name
_chem_comp.formula
8AF non-polymer '[(2~{R},3~{S},5~{R})-5-[2-azanyl-8-(9~{H}-fluoren-3-ylamino)-6-oxidanylidene-3~{H}-purin-9-yl]-3-oxidanyl-oxolan-2-yl]methyl dihydrogen phosphite' 'C23 H23 N6 O6 P'
DA DNA linking 2'-DEOXYADENOSINE-5'-MONOPHOSPHATE 'C10 H14 N5 O6 P'
DC DNA linking 2'-DEOXYCYTIDINE-5'-MONOPHOSPHATE 'C9 H14 N3 O7 P'
DG DNA linking 2'-DEOXYGUANOSINE-5'-MONOPHOSPHATE 'C10 H14 N5 O7 P'
DT DNA linking THYMIDINE-5'-MONOPHOSPHATE 'C10 H15 N2 O8 P'
ZN non-polymer 'ZINC ION' 'Zn 2'
#
# COMPACT_ATOMS: atom_id res chain seq x y z
N ALA A 1 42.51 22.28 6.08
CA ALA A 1 41.83 21.29 5.20
C ALA A 1 41.10 20.11 5.96
N PRO A 2 39.76 19.95 5.78
CA PRO A 2 39.01 18.82 6.39
C PRO A 2 39.46 17.45 5.92
N LYS A 3 39.64 16.50 6.84
CA LYS A 3 40.18 15.19 6.51
C LYS A 3 39.15 14.06 6.55
N CYS A 4 39.35 13.03 5.75
CA CYS A 4 38.59 11.83 5.86
C CYS A 4 38.64 11.27 7.29
N ILE A 5 37.48 10.90 7.81
CA ILE A 5 37.37 10.45 9.19
C ILE A 5 37.97 9.05 9.43
N GLU A 6 38.33 8.27 8.39
CA GLU A 6 38.91 6.95 8.59
C GLU A 6 40.40 7.04 8.55
N CYS A 7 40.94 7.64 7.48
CA CYS A 7 42.40 7.76 7.34
C CYS A 7 42.98 9.00 7.95
N HIS A 8 42.17 10.04 8.12
CA HIS A 8 42.67 11.38 8.52
C HIS A 8 43.78 11.88 7.61
N ILE A 9 43.77 11.52 6.33
CA ILE A 9 44.80 11.98 5.43
C ILE A 9 44.21 12.62 4.20
N ASN A 10 43.39 11.85 3.47
CA ASN A 10 42.73 12.39 2.27
C ASN A 10 41.80 13.55 2.59
N ILE A 11 41.79 14.49 1.68
CA ILE A 11 40.96 15.63 1.78
C ILE A 11 39.88 15.65 0.67
N GLU A 12 39.91 14.72 -0.28
CA GLU A 12 38.87 14.65 -1.31
C GLU A 12 37.98 13.52 -0.96
N MET A 13 36.75 13.84 -0.66
CA MET A 13 35.79 12.89 -0.19
C MET A 13 35.11 12.23 -1.36
N ASP A 14 34.57 11.05 -1.10
CA ASP A 14 33.88 10.32 -2.15
C ASP A 14 32.57 11.06 -2.41
N PRO A 15 32.30 11.36 -3.69
CA PRO A 15 31.19 12.29 -3.89
C PRO A 15 29.86 11.71 -3.47
N VAL A 16 29.62 10.42 -3.70
CA VAL A 16 28.38 9.82 -3.24
C VAL A 16 28.23 9.79 -1.70
N LEU A 17 29.26 9.32 -1.01
CA LEU A 17 29.16 9.13 0.44
C LEU A 17 29.01 10.46 1.16
N HIS A 18 29.78 11.43 0.71
CA HIS A 18 29.70 12.79 1.21
C HIS A 18 28.35 13.52 0.96
N ASP A 19 27.98 13.65 -0.31
CA ASP A 19 26.83 14.44 -0.77
C ASP A 19 25.52 13.78 -0.47
N VAL A 20 25.40 12.47 -0.66
CA VAL A 20 24.11 11.79 -0.37
C VAL A 20 24.07 11.29 1.04
N PHE A 21 25.14 10.65 1.48
CA PHE A 21 25.11 10.05 2.81
C PHE A 21 25.72 10.90 3.96
N LYS A 22 26.18 12.11 3.66
CA LYS A 22 26.75 13.02 4.71
C LYS A 22 27.93 12.41 5.50
N LEU A 23 28.75 11.61 4.81
CA LEU A 23 29.91 10.98 5.38
C LEU A 23 31.12 11.56 4.70
N GLN A 24 31.98 12.24 5.46
CA GLN A 24 33.32 12.70 5.03
C GLN A 24 34.28 11.51 5.01
N VAL A 25 34.16 10.70 3.96
CA VAL A 25 35.00 9.52 3.78
C VAL A 25 35.57 9.54 2.38
N CYS A 26 36.85 9.19 2.23
CA CYS A 26 37.46 9.15 0.91
C CYS A 26 37.03 7.86 0.24
N LYS A 27 37.10 7.85 -1.08
CA LYS A 27 36.77 6.68 -1.87
C LYS A 27 37.60 5.48 -1.49
N GLN A 28 38.91 5.64 -1.32
CA GLN A 28 39.77 4.51 -0.92
C GLN A 28 39.31 3.83 0.41
N CYS A 29 39.06 4.66 1.41
CA CYS A 29 38.62 4.17 2.72
C CYS A 29 37.27 3.46 2.64
N SER A 30 36.42 3.92 1.72
CA SER A 30 35.14 3.27 1.50
C SER A 30 35.29 1.85 0.96
N LYS A 31 36.29 1.57 0.11
CA LYS A 31 36.54 0.22 -0.42
C LYS A 31 37.22 -0.62 0.64
N GLU A 32 38.06 0.02 1.42
CA GLU A 32 38.75 -0.64 2.52
C GLU A 32 37.79 -1.06 3.65
N HIS A 33 36.63 -0.41 3.78
CA HIS A 33 35.74 -0.72 4.88
C HIS A 33 34.31 -0.90 4.39
N PRO A 34 34.05 -1.94 3.58
CA PRO A 34 32.66 -2.18 3.09
C PRO A 34 31.72 -2.51 4.22
N GLU A 35 32.27 -3.01 5.31
CA GLU A 35 31.46 -3.30 6.47
C GLU A 35 30.70 -2.06 7.04
N LYS A 36 31.14 -0.88 6.67
CA LYS A 36 30.51 0.39 7.06
C LYS A 36 29.97 1.14 5.84
N TYR A 37 30.71 1.11 4.71
CA TYR A 37 30.42 2.02 3.60
C TYR A 37 29.84 1.37 2.35
N ALA A 38 29.67 0.04 2.29
CA ALA A 38 29.09 -0.56 1.05
C ALA A 38 27.66 -0.09 0.86
N LEU A 39 27.28 0.08 -0.40
CA LEU A 39 25.92 0.39 -0.74
C LEU A 39 25.14 -0.89 -1.01
N LEU A 40 23.92 -0.90 -0.53
CA LEU A 40 23.03 -2.05 -0.55
C LEU A 40 21.75 -1.65 -1.27
N THR A 41 21.24 -2.50 -2.14
CA THR A 41 19.97 -2.24 -2.78
C THR A 41 18.87 -2.38 -1.76
N LYS A 42 17.72 -1.80 -2.01
CA LYS A 42 16.56 -2.07 -1.21
C LYS A 42 16.32 -3.56 -0.92
N THR A 43 16.35 -4.37 -1.98
CA THR A 43 16.17 -5.79 -1.81
C THR A 43 17.22 -6.46 -0.84
N GLU A 44 18.49 -6.07 -0.94
CA GLU A 44 19.58 -6.58 -0.05
C GLU A 44 19.40 -6.17 1.43
N CYS A 45 18.92 -4.95 1.64
CA CYS A 45 18.57 -4.49 2.96
C CYS A 45 17.49 -5.40 3.65
N LYS A 46 16.51 -5.82 2.86
CA LYS A 46 15.44 -6.69 3.37
C LYS A 46 15.95 -8.13 3.65
N GLU A 47 16.68 -8.68 2.68
CA GLU A 47 17.36 -9.96 2.86
C GLU A 47 18.31 -9.95 4.02
N ASP A 48 19.17 -8.95 4.11
CA ASP A 48 20.28 -9.00 5.07
C ASP A 48 19.90 -8.59 6.47
N TYR A 49 19.04 -7.58 6.59
CA TYR A 49 18.76 -6.98 7.85
C TYR A 49 17.29 -7.11 8.32
N PHE A 50 16.45 -7.65 7.47
CA PHE A 50 15.06 -7.91 7.78
C PHE A 50 14.33 -6.65 8.09
N LEU A 51 14.56 -5.63 7.27
CA LEU A 51 13.89 -4.38 7.41
C LEU A 51 12.73 -4.46 6.45
N THR A 52 11.67 -3.74 6.74
CA THR A 52 10.40 -3.82 6.05
C THR A 52 10.32 -2.66 5.06
N ASP A 53 9.36 -2.73 4.12
CA ASP A 53 9.11 -1.68 3.11
C ASP A 53 8.77 -0.38 3.73
N PRO A 54 7.87 -0.39 4.73
CA PRO A 54 7.62 0.82 5.53
C PRO A 54 8.84 1.46 6.15
N GLU A 55 9.77 0.68 6.71
CA GLU A 55 11.03 1.29 7.22
C GLU A 55 11.90 1.88 6.10
N LEU A 56 12.09 1.11 5.06
CA LEU A 56 12.92 1.55 3.94
C LEU A 56 12.29 2.62 3.05
N ASN A 57 10.98 2.76 3.07
CA ASN A 57 10.29 3.87 2.38
C ASN A 57 10.21 5.16 3.21
N ASP A 58 10.61 5.13 4.48
CA ASP A 58 10.47 6.30 5.33
C ASP A 58 11.59 7.25 4.91
N GLU A 59 11.21 8.33 4.21
CA GLU A 59 12.14 9.39 3.75
C GLU A 59 12.94 10.02 4.90
N ASP A 60 12.34 10.04 6.08
CA ASP A 60 12.98 10.58 7.27
C ASP A 60 13.96 9.64 8.01
N LEU A 61 14.01 8.35 7.67
CA LEU A 61 14.88 7.42 8.39
C LEU A 61 16.28 7.07 7.78
N PHE A 62 16.42 7.08 6.48
CA PHE A 62 17.70 6.74 5.88
C PHE A 62 17.97 7.72 4.80
N HIS A 63 19.25 8.00 4.56
CA HIS A 63 19.64 8.57 3.28
C HIS A 63 19.55 7.49 2.18
N ARG A 64 19.27 7.87 0.94
CA ARG A 64 19.19 6.90 -0.18
CA ARG A 64 19.41 6.88 -0.14
C ARG A 64 19.71 7.53 -1.45
N LEU A 65 20.33 6.76 -2.32
CA LEU A 65 20.65 7.21 -3.68
C LEU A 65 19.87 6.37 -4.62
N GLU A 66 19.32 6.98 -5.63
CA GLU A 66 18.49 6.24 -6.58
C GLU A 66 19.19 6.30 -7.91
N LYS A 67 18.99 5.25 -8.70
CA LYS A 67 19.56 5.03 -10.02
C LYS A 67 18.49 4.39 -10.88
N PRO A 68 18.65 4.42 -12.21
CA PRO A 68 17.75 3.66 -13.06
C PRO A 68 17.80 2.18 -12.72
N ASN A 69 16.63 1.55 -12.73
CA ASN A 69 16.58 0.10 -12.63
C ASN A 69 17.46 -0.52 -13.76
N PRO A 70 18.43 -1.36 -13.39
CA PRO A 70 19.30 -1.92 -14.43
C PRO A 70 18.63 -2.93 -15.32
N HIS A 71 17.49 -3.48 -14.92
CA HIS A 71 16.80 -4.37 -15.82
C HIS A 71 16.05 -3.58 -16.87
N SER A 72 15.62 -2.38 -16.56
CA SER A 72 14.86 -1.53 -17.54
C SER A 72 14.56 -0.25 -16.82
N GLY A 73 14.95 0.83 -17.49
CA GLY A 73 14.53 2.19 -17.19
C GLY A 73 13.05 2.43 -16.95
N THR A 74 12.18 1.61 -17.54
CA THR A 74 10.72 1.67 -17.29
C THR A 74 10.29 0.99 -16.00
N PHE A 75 11.17 0.30 -15.28
CA PHE A 75 10.80 -0.28 -14.01
C PHE A 75 11.13 0.68 -12.87
N ALA A 76 10.59 0.39 -11.68
CA ALA A 76 10.92 1.19 -10.51
C ALA A 76 12.43 1.41 -10.24
N ARG A 77 12.77 2.63 -9.86
CA ARG A 77 14.16 2.99 -9.67
C ARG A 77 14.81 2.15 -8.57
N MET A 78 16.08 1.85 -8.81
CA MET A 78 16.91 1.17 -7.84
C MET A 78 17.26 2.15 -6.71
N GLN A 79 17.24 1.64 -5.49
CA GLN A 79 17.45 2.41 -4.33
C GLN A 79 18.64 1.84 -3.58
N LEU A 80 19.65 2.69 -3.33
CA LEU A 80 20.91 2.29 -2.65
C LEU A 80 21.00 2.91 -1.26
N PHE A 81 21.21 2.09 -0.21
CA PHE A 81 21.36 2.52 1.19
C PHE A 81 22.78 2.21 1.63
N VAL A 82 23.30 2.97 2.59
CA VAL A 82 24.69 2.76 3.03
C VAL A 82 24.68 1.83 4.24
N ARG A 83 25.58 0.83 4.26
CA ARG A 83 25.52 -0.22 5.23
C ARG A 83 25.50 0.29 6.69
N CYS A 84 26.30 1.28 7.08
CA CYS A 84 26.35 1.73 8.50
C CYS A 84 25.00 2.24 9.00
N GLU A 85 24.22 2.97 8.20
CA GLU A 85 22.89 3.47 8.68
C GLU A 85 21.90 2.30 8.85
N VAL A 86 21.86 1.47 7.83
CA VAL A 86 20.96 0.33 7.74
C VAL A 86 21.20 -0.70 8.85
N GLU A 87 22.47 -1.01 9.06
CA GLU A 87 22.90 -1.84 10.18
C GLU A 87 22.55 -1.24 11.55
N ALA A 88 22.89 0.03 11.78
CA ALA A 88 22.56 0.68 13.08
C ALA A 88 21.04 0.64 13.36
N PHE A 89 20.21 0.93 12.36
CA PHE A 89 18.81 0.73 12.52
C PHE A 89 18.42 -0.76 12.79
N ALA A 90 18.97 -1.68 12.04
CA ALA A 90 18.71 -3.08 12.27
C ALA A 90 19.14 -3.56 13.66
N PHE A 91 20.22 -3.03 14.24
CA PHE A 91 20.66 -3.44 15.59
C PHE A 91 19.78 -2.87 16.67
N LYS A 92 19.42 -1.60 16.58
CA LYS A 92 18.38 -1.04 17.42
C LYS A 92 17.12 -1.94 17.35
N LYS A 93 16.68 -2.35 16.17
CA LYS A 93 15.39 -3.04 16.02
C LYS A 93 15.35 -4.52 16.54
N TRP A 94 16.39 -5.30 16.24
CA TRP A 94 16.45 -6.72 16.60
C TRP A 94 17.33 -6.97 17.84
N GLY A 95 18.03 -5.94 18.33
CA GLY A 95 18.93 -6.02 19.53
C GLY A 95 20.39 -6.37 19.29
N GLY A 96 21.09 -5.58 18.49
CA GLY A 96 22.49 -5.90 18.13
C GLY A 96 22.63 -7.06 17.12
N GLU A 97 23.88 -7.35 16.74
CA GLU A 97 24.17 -8.53 15.92
C GLU A 97 23.61 -9.78 16.62
N GLU A 98 23.79 -9.89 17.96
CA GLU A 98 23.26 -11.01 18.79
C GLU A 98 21.81 -11.29 18.38
N GLY A 99 20.92 -10.32 18.57
CA GLY A 99 19.50 -10.45 18.16
C GLY A 99 19.19 -10.69 16.69
N LEU A 100 19.90 -9.99 15.81
CA LEU A 100 19.69 -10.19 14.36
C LEU A 100 19.90 -11.66 13.96
N ASP A 101 20.97 -12.27 14.46
CA ASP A 101 21.24 -13.68 14.17
C ASP A 101 20.15 -14.59 14.74
N GLU A 102 19.64 -14.26 15.94
CA GLU A 102 18.51 -15.01 16.50
C GLU A 102 17.36 -15.06 15.52
N GLU A 103 17.02 -13.88 15.00
CA GLU A 103 16.01 -13.76 13.96
C GLU A 103 16.40 -14.48 12.67
N TRP A 104 17.65 -14.44 12.23
CA TRP A 104 18.11 -15.30 11.11
C TRP A 104 17.83 -16.75 11.47
N GLN A 105 18.32 -17.19 12.65
CA GLN A 105 18.17 -18.60 13.11
C GLN A 105 16.68 -19.00 13.04
N ARG A 106 15.84 -18.15 13.63
CA ARG A 106 14.38 -18.33 13.61
C ARG A 106 13.79 -18.64 12.24
N ARG A 107 14.16 -17.83 11.26
CA ARG A 107 13.54 -17.86 9.93
C ARG A 107 13.99 -19.03 9.12
N GLU A 108 15.22 -19.45 9.38
CA GLU A 108 15.75 -20.69 8.80
C GLU A 108 14.96 -21.94 9.23
N GLU A 109 14.42 -21.97 10.46
CA GLU A 109 13.65 -23.14 10.93
C GLU A 109 12.34 -23.29 10.19
N GLY A 110 11.49 -22.26 10.30
CA GLY A 110 10.19 -22.20 9.59
C GLY A 110 10.34 -22.37 8.10
N LYS A 111 11.51 -21.97 7.59
CA LYS A 111 11.95 -22.26 6.23
C LYS A 111 11.75 -23.74 5.85
N ALA A 112 12.08 -24.66 6.76
CA ALA A 112 11.80 -26.11 6.57
C ALA A 112 10.30 -26.52 6.73
N HIS A 113 9.69 -26.09 7.84
CA HIS A 113 8.32 -26.50 8.25
C HIS A 113 7.26 -25.66 7.56
N ALA B 188 -41.05 17.92 -18.01
CA ALA B 188 -39.96 17.71 -17.02
C ALA B 188 -39.47 16.25 -16.97
N PRO B 189 -38.17 16.03 -16.71
CA PRO B 189 -37.63 14.67 -16.61
C PRO B 189 -38.15 13.88 -15.40
N LYS B 190 -38.44 12.60 -15.61
CA LYS B 190 -39.12 11.73 -14.66
C LYS B 190 -38.22 10.62 -14.13
N CYS B 191 -38.44 10.26 -12.88
CA CYS B 191 -37.77 9.12 -12.28
C CYS B 191 -37.92 7.89 -13.17
N ILE B 192 -36.79 7.21 -13.33
CA ILE B 192 -36.74 6.05 -14.20
C ILE B 192 -37.42 4.81 -13.58
N GLU B 193 -37.78 4.80 -12.29
CA GLU B 193 -38.43 3.62 -11.72
C GLU B 193 -39.88 3.82 -11.78
N CYS B 194 -40.38 4.95 -11.21
CA CYS B 194 -41.83 5.22 -11.21
C CYS B 194 -42.33 5.97 -12.44
N HIS B 195 -41.46 6.68 -13.15
CA HIS B 195 -41.93 7.60 -14.25
C HIS B 195 -42.96 8.64 -13.80
N ILE B 196 -42.97 8.97 -12.52
CA ILE B 196 -43.94 9.94 -12.05
C ILE B 196 -43.24 11.09 -11.40
N ASN B 197 -42.38 10.81 -10.41
CA ASN B 197 -41.69 11.88 -9.69
C ASN B 197 -40.70 12.61 -10.57
N ILE B 198 -40.52 13.84 -10.20
CA ILE B 198 -39.80 14.80 -10.92
C ILE B 198 -38.66 15.34 -10.00
N GLU B 199 -38.64 15.07 -8.69
CA GLU B 199 -37.55 15.53 -7.82
C GLU B 199 -36.79 14.31 -7.43
N MET B 200 -35.53 14.29 -7.81
CA MET B 200 -34.72 13.13 -7.72
C MET B 200 -34.09 13.13 -6.33
N ASP B 201 -33.70 11.96 -5.88
CA ASP B 201 -32.97 11.91 -4.62
C ASP B 201 -31.66 12.69 -4.82
N PRO B 202 -31.33 13.63 -3.92
CA PRO B 202 -30.13 14.42 -4.17
C PRO B 202 -28.83 13.62 -4.20
N VAL B 203 -28.65 12.67 -3.29
CA VAL B 203 -27.45 11.85 -3.29
C VAL B 203 -27.36 10.98 -4.57
N LEU B 204 -28.40 10.23 -4.89
CA LEU B 204 -28.33 9.30 -6.02
C LEU B 204 -28.16 9.99 -7.40
N HIS B 205 -28.83 11.12 -7.53
CA HIS B 205 -28.68 12.00 -8.67
C HIS B 205 -27.29 12.69 -8.84
N ASP B 206 -26.91 13.47 -7.86
CA ASP B 206 -25.71 14.29 -7.89
C ASP B 206 -24.46 13.48 -7.76
N VAL B 207 -24.42 12.47 -6.86
CA VAL B 207 -23.21 11.65 -6.67
C VAL B 207 -23.21 10.43 -7.56
N PHE B 208 -24.33 9.72 -7.66
CA PHE B 208 -24.36 8.49 -8.43
C PHE B 208 -24.95 8.60 -9.86
N LYS B 209 -25.38 9.81 -10.27
CA LYS B 209 -25.94 10.03 -11.63
C LYS B 209 -27.15 9.15 -11.97
N LEU B 210 -27.99 8.90 -10.97
CA LEU B 210 -29.23 8.15 -11.16
C LEU B 210 -30.37 9.13 -10.97
N GLN B 211 -31.20 9.29 -12.02
CA GLN B 211 -32.48 10.00 -11.97
C GLN B 211 -33.49 9.10 -11.27
N VAL B 212 -33.37 8.99 -9.94
CA VAL B 212 -34.22 8.12 -9.12
C VAL B 212 -34.75 8.96 -7.97
N CYS B 213 -36.07 8.92 -7.74
CA CYS B 213 -36.65 9.66 -6.64
C CYS B 213 -36.36 8.89 -5.36
N LYS B 214 -36.39 9.59 -4.23
CA LYS B 214 -36.10 8.98 -2.94
C LYS B 214 -37.04 7.79 -2.62
N GLN B 215 -38.32 7.93 -2.93
CA GLN B 215 -39.26 6.86 -2.61
C GLN B 215 -38.93 5.57 -3.37
N CYS B 216 -38.64 5.67 -4.67
CA CYS B 216 -38.22 4.51 -5.46
C CYS B 216 -36.92 3.91 -4.90
N SER B 217 -36.06 4.74 -4.32
CA SER B 217 -34.80 4.22 -3.79
C SER B 217 -35.02 3.34 -2.58
N LYS B 218 -36.00 3.71 -1.74
CA LYS B 218 -36.37 2.94 -0.54
C LYS B 218 -37.16 1.71 -1.00
N GLU B 219 -37.85 1.81 -2.12
CA GLU B 219 -38.60 0.68 -2.62
C GLU B 219 -37.75 -0.34 -3.39
N HIS B 220 -36.49 -0.01 -3.74
CA HIS B 220 -35.70 -0.95 -4.48
C HIS B 220 -34.29 -0.95 -4.00
N PRO B 221 -34.10 -1.33 -2.72
CA PRO B 221 -32.72 -1.34 -2.17
C PRO B 221 -31.83 -2.32 -2.89
N GLU B 222 -32.44 -3.31 -3.55
CA GLU B 222 -31.65 -4.29 -4.30
C GLU B 222 -30.80 -3.61 -5.40
N LYS B 223 -31.19 -2.41 -5.81
CA LYS B 223 -30.43 -1.56 -6.72
C LYS B 223 -29.83 -0.31 -6.06
N TYR B 224 -30.60 0.38 -5.20
CA TYR B 224 -30.25 1.72 -4.76
C TYR B 224 -29.70 1.84 -3.37
N ALA B 225 -29.57 0.76 -2.61
CA ALA B 225 -29.03 0.91 -1.28
C ALA B 225 -27.56 1.29 -1.34
N LEU B 226 -27.14 2.08 -0.36
CA LEU B 226 -25.79 2.51 -0.22
C LEU B 226 -25.03 1.58 0.76
N LEU B 227 -23.86 1.08 0.34
CA LEU B 227 -23.03 0.13 1.07
C LEU B 227 -21.71 0.78 1.43
N THR B 228 -21.24 0.49 2.64
CA THR B 228 -19.98 0.94 3.07
C THR B 228 -18.89 0.17 2.33
N LYS B 229 -17.70 0.69 2.38
CA LYS B 229 -16.58 0.00 1.80
C LYS B 229 -16.39 -1.40 2.35
N THR B 230 -16.43 -1.52 3.67
CA THR B 230 -16.35 -2.81 4.30
C THR B 230 -17.48 -3.77 3.87
N GLU B 231 -18.69 -3.25 3.71
CA GLU B 231 -19.82 -4.07 3.26
C GLU B 231 -19.60 -4.59 1.82
N CYS B 232 -19.02 -3.74 0.96
CA CYS B 232 -18.71 -4.16 -0.41
C CYS B 232 -17.71 -5.37 -0.49
N LYS B 233 -16.74 -5.34 0.41
CA LYS B 233 -15.77 -6.40 0.47
C LYS B 233 -16.45 -7.70 0.99
N GLU B 234 -17.20 -7.57 2.09
CA GLU B 234 -17.95 -8.70 2.69
C GLU B 234 -18.97 -9.31 1.74
N ASP B 235 -19.75 -8.48 1.06
CA ASP B 235 -20.85 -8.95 0.27
C ASP B 235 -20.45 -9.39 -1.10
N TYR B 236 -19.50 -8.69 -1.72
CA TYR B 236 -19.21 -8.91 -3.11
C TYR B 236 -17.79 -9.38 -3.41
N PHE B 237 -16.94 -9.46 -2.39
CA PHE B 237 -15.56 -9.89 -2.50
C PHE B 237 -14.77 -9.01 -3.44
N LEU B 238 -15.03 -7.72 -3.38
CA LEU B 238 -14.24 -6.77 -4.09
C LEU B 238 -13.08 -6.45 -3.22
N THR B 239 -11.97 -6.13 -3.84
CA THR B 239 -10.71 -5.87 -3.12
C THR B 239 -10.52 -4.36 -2.96
N ASP B 240 -9.51 -3.97 -2.17
CA ASP B 240 -9.23 -2.57 -1.89
C ASP B 240 -8.83 -1.77 -3.12
N PRO B 241 -7.93 -2.34 -3.96
CA PRO B 241 -7.60 -1.78 -5.26
C PRO B 241 -8.77 -1.52 -6.15
N GLU B 242 -9.71 -2.46 -6.25
CA GLU B 242 -10.97 -2.19 -7.03
C GLU B 242 -11.81 -1.06 -6.47
N LEU B 243 -12.09 -1.14 -5.19
CA LEU B 243 -12.88 -0.11 -4.54
C LEU B 243 -12.16 1.23 -4.41
N ASN B 244 -10.82 1.26 -4.38
CA ASN B 244 -10.05 2.51 -4.36
C ASN B 244 -9.88 3.19 -5.72
N ASP B 245 -10.26 2.50 -6.80
CA ASP B 245 -10.02 3.00 -8.15
C ASP B 245 -11.07 4.07 -8.38
N GLU B 246 -10.63 5.33 -8.38
CA GLU B 246 -11.50 6.51 -8.57
C GLU B 246 -12.27 6.43 -9.92
N ASP B 247 -11.66 5.81 -10.92
CA ASP B 247 -12.29 5.72 -12.23
C ASP B 247 -13.35 4.63 -12.36
N LEU B 248 -13.51 3.81 -11.34
CA LEU B 248 -14.42 2.71 -11.42
C LEU B 248 -15.81 2.82 -10.77
N PHE B 249 -15.95 3.45 -9.64
CA PHE B 249 -17.22 3.50 -8.98
C PHE B 249 -17.41 4.93 -8.60
N HIS B 250 -18.66 5.38 -8.58
CA HIS B 250 -19.01 6.65 -7.90
C HIS B 250 -19.01 6.35 -6.40
N ARG B 251 -18.67 7.32 -5.57
CA ARG B 251 -18.57 7.13 -4.12
CA ARG B 251 -18.81 7.10 -4.13
C ARG B 251 -19.05 8.36 -3.37
N LEU B 252 -19.74 8.19 -2.25
CA LEU B 252 -20.04 9.28 -1.34
C LEU B 252 -19.24 9.09 -0.09
N GLU B 253 -18.61 10.17 0.34
CA GLU B 253 -17.82 10.14 1.58
C GLU B 253 -18.51 10.90 2.67
N LYS B 254 -18.39 10.35 3.87
CA LYS B 254 -18.91 10.95 5.09
C LYS B 254 -17.85 10.84 6.19
N PRO B 255 -18.00 11.64 7.28
CA PRO B 255 -17.17 11.44 8.48
C PRO B 255 -17.32 10.03 9.00
N ASN B 256 -16.19 9.41 9.35
CA ASN B 256 -16.25 8.14 10.06
C ASN B 256 -17.14 8.26 11.34
N PRO B 257 -18.20 7.42 11.44
CA PRO B 257 -19.11 7.59 12.59
C PRO B 257 -18.46 7.20 13.90
N HIS B 258 -17.38 6.42 13.88
CA HIS B 258 -16.65 6.14 15.11
C HIS B 258 -15.78 7.33 15.52
N SER B 259 -15.31 8.12 14.59
CA SER B 259 -14.51 9.31 15.00
C SER B 259 -14.10 10.02 13.77
N GLY B 260 -14.28 11.34 13.86
CA GLY B 260 -13.82 12.28 12.88
C GLY B 260 -12.36 12.18 12.53
N THR B 261 -11.53 11.72 13.46
CA THR B 261 -10.09 11.58 13.24
C THR B 261 -9.77 10.30 12.52
N PHE B 262 -10.72 9.39 12.32
CA PHE B 262 -10.42 8.15 11.61
C PHE B 262 -10.67 8.36 10.12
N ALA B 263 -10.24 7.39 9.33
CA ALA B 263 -10.48 7.42 7.88
C ALA B 263 -11.97 7.58 7.43
N ARG B 264 -12.22 8.48 6.50
CA ARG B 264 -13.60 8.78 6.13
C ARG B 264 -14.31 7.53 5.63
N MET B 265 -15.63 7.54 5.86
CA MET B 265 -16.51 6.46 5.47
C MET B 265 -16.87 6.63 3.99
N GLN B 266 -16.93 5.51 3.26
CA GLN B 266 -17.15 5.53 1.86
C GLN B 266 -18.36 4.72 1.51
N LEU B 267 -19.30 5.37 0.83
CA LEU B 267 -20.58 4.74 0.49
C LEU B 267 -20.67 4.55 -1.03
N PHE B 268 -20.99 3.32 -1.47
CA PHE B 268 -21.10 2.89 -2.89
C PHE B 268 -22.55 2.47 -3.11
N VAL B 269 -23.07 2.62 -4.32
CA VAL B 269 -24.46 2.28 -4.61
C VAL B 269 -24.51 0.83 -5.11
N ARG B 270 -25.44 0.02 -4.57
CA ARG B 270 -25.47 -1.42 -4.85
C ARG B 270 -25.49 -1.78 -6.32
N CYS B 271 -26.30 -1.16 -7.18
CA CYS B 271 -26.27 -1.52 -8.62
C CYS B 271 -24.87 -1.48 -9.25
N GLU B 272 -24.04 -0.47 -8.93
CA GLU B 272 -22.73 -0.39 -9.60
C GLU B 272 -21.81 -1.50 -9.09
N VAL B 273 -21.76 -1.63 -7.77
CA VAL B 273 -20.96 -2.61 -7.10
C VAL B 273 -21.33 -4.05 -7.46
N GLU B 274 -22.63 -4.33 -7.50
CA GLU B 274 -23.13 -5.63 -7.93
C GLU B 274 -22.77 -5.95 -9.36
N ALA B 275 -22.94 -4.97 -10.27
CA ALA B 275 -22.67 -5.18 -11.72
C ALA B 275 -21.17 -5.44 -11.97
N PHE B 276 -20.31 -4.67 -11.32
CA PHE B 276 -18.92 -5.03 -11.31
C PHE B 276 -18.66 -6.45 -10.69
N ALA B 277 -19.27 -6.78 -9.57
CA ALA B 277 -19.04 -8.09 -8.97
C ALA B 277 -19.53 -9.25 -9.81
N PHE B 278 -20.62 -9.08 -10.55
CA PHE B 278 -21.11 -10.15 -11.42
C PHE B 278 -20.25 -10.36 -12.61
N LYS B 279 -19.79 -9.29 -13.20
CA LYS B 279 -18.73 -9.37 -14.19
C LYS B 279 -17.48 -10.11 -13.69
N LYS B 280 -17.04 -9.87 -12.47
CA LYS B 280 -15.77 -10.44 -11.95
C LYS B 280 -15.83 -11.93 -11.64
N TRP B 281 -16.92 -12.34 -11.01
CA TRP B 281 -17.09 -13.70 -10.50
C TRP B 281 -18.01 -14.55 -11.42
N GLY B 282 -18.72 -13.91 -12.38
CA GLY B 282 -19.63 -14.59 -13.36
C GLY B 282 -21.12 -14.64 -13.01
N GLY B 283 -21.80 -13.49 -13.08
CA GLY B 283 -23.19 -13.41 -12.58
C GLY B 283 -23.34 -13.72 -11.09
N GLU B 284 -24.60 -13.64 -10.63
CA GLU B 284 -24.98 -14.05 -9.26
C GLU B 284 -24.45 -15.42 -8.96
N GLU B 285 -24.58 -16.29 -9.99
CA GLU B 285 -24.15 -17.70 -9.98
C GLU B 285 -22.68 -17.92 -9.52
N GLY B 286 -21.72 -17.41 -10.29
CA GLY B 286 -20.31 -17.48 -9.90
C GLY B 286 -20.03 -16.85 -8.55
N LEU B 287 -20.68 -15.72 -8.25
CA LEU B 287 -20.52 -15.10 -6.93
C LEU B 287 -20.82 -16.08 -5.79
N ASP B 288 -21.94 -16.78 -5.89
CA ASP B 288 -22.35 -17.75 -4.85
C ASP B 288 -21.37 -18.93 -4.71
N GLU B 289 -20.81 -19.39 -5.83
CA GLU B 289 -19.72 -20.39 -5.80
C GLU B 289 -18.56 -19.98 -4.94
N GLU B 290 -18.16 -18.70 -5.11
CA GLU B 290 -17.11 -18.10 -4.29
C GLU B 290 -17.55 -18.01 -2.83
N TRP B 291 -18.80 -17.64 -2.52
CA TRP B 291 -19.32 -17.76 -1.13
C TRP B 291 -19.07 -19.22 -0.71
N GLN B 292 -19.70 -20.17 -1.43
CA GLN B 292 -19.62 -21.62 -1.08
C GLN B 292 -18.16 -21.97 -0.77
N ARG B 293 -17.27 -21.52 -1.65
CA ARG B 293 -15.83 -21.82 -1.54
C ARG B 293 -15.16 -21.28 -0.26
N ARG B 294 -15.52 -20.07 0.11
CA ARG B 294 -14.88 -19.38 1.23
C ARG B 294 -15.31 -19.92 2.59
N GLU B 295 -16.60 -20.25 2.72
CA GLU B 295 -17.11 -20.94 3.95
C GLU B 295 -16.37 -22.26 4.30
N GLU B 296 -15.90 -22.97 3.26
CA GLU B 296 -15.14 -24.23 3.47
C GLU B 296 -13.81 -24.03 4.17
N GLY B 297 -12.95 -23.17 3.60
CA GLY B 297 -11.66 -22.85 4.22
C GLY B 297 -11.77 -22.28 5.62
N LYS B 298 -12.89 -21.58 5.86
CA LYS B 298 -13.30 -21.10 7.19
C LYS B 298 -13.46 -22.26 8.20
N ALA B 299 -14.09 -23.36 7.76
CA ALA B 299 -14.26 -24.58 8.57
C ALA B 299 -12.92 -25.24 8.94
N HIS B 300 -11.98 -25.23 8.01
CA HIS B 300 -10.61 -25.72 8.22
C HIS B 300 -9.86 -25.20 9.50
N ARG B 301 -10.26 -24.03 10.05
CA ARG B 301 -9.44 -23.32 11.03
C ARG B 301 -10.26 -22.86 12.25
P 8AF C 8 -6.06 -14.77 -4.29
P 8AF C 8 5.16 -10.55 11.44
OP1 8AF C 8 -6.16 -15.56 -5.56
OP1 8AF C 8 5.39 -10.96 12.87
O5' 8AF C 8 -6.42 -15.69 -3.06
O5' 8AF C 8 4.97 -11.85 10.53
C5' 8AF C 8 -6.94 -15.04 -1.94
C5' 8AF C 8 6.02 -12.24 9.67
C4' 8AF C 8 -6.05 -15.45 -0.79
C4' 8AF C 8 5.48 -13.31 8.73
C3' 8AF C 8 -7.03 -15.33 0.29
C3' 8AF C 8 6.56 -13.53 7.71
O3' 8AF C 8 -7.18 -16.60 0.85
O3' 8AF C 8 7.34 -14.74 7.95
C2' 8AF C 8 -6.56 -14.40 1.34
C2' 8AF C 8 5.87 -13.55 6.36
C1' 8AF C 8 -5.17 -14.08 0.96
C1' 8AF C 8 4.51 -12.99 6.63
O4' 8AF C 8 -4.96 -14.63 -0.36
O4' 8AF C 8 4.28 -12.96 8.04
N9 8AF C 8 -4.88 -12.65 0.88
N9 8AF C 8 4.32 -11.64 6.10
C4 8AF C 8 -5.37 -11.74 0.04
C4 8AF C 8 4.77 -10.40 6.41
C5 8AF C 8 -4.62 -10.50 0.36
C5 8AF C 8 4.11 -9.46 5.46
N7 8AF C 8 -3.72 -10.76 1.36
N7 8AF C 8 3.29 -10.20 4.66
C8 8AF C 8 -3.90 -12.08 1.60
C8 8AF C 8 3.47 -11.50 5.08
N3 8AF C 8 -6.32 -11.73 -0.94
N3 8AF C 8 5.63 -9.88 7.32
C2 8AF C 8 -6.58 -10.58 -1.62
C2 8AF C 8 5.85 -8.54 7.36
N2 8AF C 8 -7.51 -10.56 -2.60
N2 8AF C 8 6.70 -8.02 8.26
N1 8AF C 8 -5.95 -9.45 -1.37
N1 8AF C 8 5.28 -7.66 6.54
C6 8AF C 8 -4.98 -9.32 -0.45
C6 8AF C 8 4.42 -8.03 5.58
O6 8AF C 8 -4.40 -8.23 -0.27
O6 8AF C 8 3.91 -7.15 4.85
OP2 8AF C 8 -6.89 -13.51 -4.19
OP2 8AF C 8 6.20 -9.64 10.80
N4 8AF C 8 -3.33 -13.00 2.42
N4 8AF C 8 2.78 -12.64 4.72
C12 8AF C 8 -2.32 -13.08 3.35
C12 8AF C 8 1.49 -12.69 4.28
C13 8AF C 8 -2.84 -13.68 4.49
C13 8AF C 8 0.63 -11.66 4.65
C14 8AF C 8 -2.16 -13.77 5.68
C14 8AF C 8 -0.63 -11.57 4.10
C15 8AF C 8 -0.90 -13.26 5.75
C15 8AF C 8 -1.02 -12.52 3.19
C16 8AF C 8 -0.33 -12.66 4.64
C16 8AF C 8 -0.19 -13.58 2.83
C17 8AF C 8 -1.00 -12.55 3.39
C17 8AF C 8 1.09 -13.69 3.36
C18 8AF C 8 -0.05 -13.26 6.91
C18 8AF C 8 -2.29 -12.64 2.52
C19 8AF C 8 1.19 -12.66 6.55
C19 8AF C 8 -2.25 -13.81 1.67
C20 8AF C 8 1.03 -12.26 5.12
C20 8AF C 8 -0.92 -14.41 1.85
C1 8AF C 8 2.37 -12.42 7.24
C1 8AF C 8 -3.16 -14.40 0.82
C3 8AF C 8 3.40 -11.75 6.55
C3 8AF C 8 -2.81 -15.54 0.15
C7 8AF C 8 3.24 -11.36 5.20
C7 8AF C 8 -1.54 -16.11 0.31
C9 8AF C 8 2.07 -11.62 4.47
C9 8AF C 8 -0.59 -15.56 1.17
ZN ZN E . 40.24 8.06 3.94
ZN ZN F . -39.58 7.16 -8.55
#